data_2MXL
#
_entry.id   2MXL
#
_entity_poly.entity_id   1
_entity_poly.type   'polyribonucleotide'
_entity_poly.pdbx_seq_one_letter_code
;GGAUUUGCAGGCCUACCAGAAACGGAUGGGAGUGCAGAU
;
_entity_poly.pdbx_strand_id   A
#
loop_
_chem_comp.id
_chem_comp.type
_chem_comp.name
_chem_comp.formula
A RNA linking ADENOSINE-5'-MONOPHOSPHATE 'C10 H14 N5 O7 P'
C RNA linking CYTIDINE-5'-MONOPHOSPHATE 'C9 H14 N3 O8 P'
G RNA linking GUANOSINE-5'-MONOPHOSPHATE 'C10 H14 N5 O8 P'
U RNA linking URIDINE-5'-MONOPHOSPHATE 'C9 H13 N2 O9 P'
#